data_3FGY
#
_entry.id   3FGY
#
_cell.length_a   45.950
_cell.length_b   66.080
_cell.length_c   91.000
_cell.angle_alpha   90.000
_cell.angle_beta   90.000
_cell.angle_gamma   90.000
#
_symmetry.space_group_name_H-M   'P 21 21 21'
#
loop_
_entity.id
_entity.type
_entity.pdbx_description
1 polymer 'uncharacterized NTF2-like protein'
2 non-polymer 'UNKNOWN LIGAND'
3 non-polymer DI(HYDROXYETHYL)ETHER
4 water water
#
_entity_poly.entity_id   1
_entity_poly.type   'polypeptide(L)'
_entity_poly.pdbx_seq_one_letter_code
;G(MSE)STQENVQIVKDFFAA(MSE)GRGDKKGLLAVSAEDIEWIIPGEWPLAGTHRGHAALAALLQKASE(MSE)VEIS
YPEPPEFVAQGERVLVVGFATGRVKSTNRTFEDDWVFAITVRKSKVTSIREYIDTLALARATNFNAT
;
_entity_poly.pdbx_strand_id   A,B
#
# COMPACT_ATOMS: atom_id res chain seq x y z
N GLY A 1 -16.53 1.46 18.37
CA GLY A 1 -16.29 1.98 17.01
C GLY A 1 -17.61 2.34 16.34
N SER A 3 -20.05 1.90 12.97
CA SER A 3 -20.26 0.94 11.88
C SER A 3 -19.65 1.43 10.58
N THR A 4 -18.99 0.52 9.84
CA THR A 4 -18.32 0.84 8.55
C THR A 4 -19.08 0.37 7.29
N GLN A 5 -20.22 -0.28 7.50
CA GLN A 5 -20.97 -0.93 6.41
C GLN A 5 -21.29 0.08 5.33
N GLU A 6 -21.71 1.26 5.77
CA GLU A 6 -22.16 2.32 4.89
C GLU A 6 -20.97 2.86 4.11
N ASN A 7 -19.84 3.08 4.79
CA ASN A 7 -18.64 3.56 4.10
C ASN A 7 -18.13 2.60 3.06
N VAL A 8 -18.17 1.30 3.36
CA VAL A 8 -17.72 0.29 2.42
C VAL A 8 -18.64 0.28 1.18
N GLN A 9 -19.96 0.42 1.39
CA GLN A 9 -20.87 0.47 0.26
C GLN A 9 -20.62 1.70 -0.63
N ILE A 10 -20.33 2.84 0.00
CA ILE A 10 -19.97 4.07 -0.75
C ILE A 10 -18.72 3.87 -1.60
N VAL A 11 -17.71 3.23 -1.01
CA VAL A 11 -16.49 2.96 -1.76
C VAL A 11 -16.79 1.99 -2.90
N LYS A 12 -17.56 0.94 -2.63
CA LYS A 12 -18.03 0.04 -3.69
C LYS A 12 -18.85 0.79 -4.77
N ASP A 13 -19.70 1.73 -4.38
CA ASP A 13 -20.45 2.61 -5.31
C ASP A 13 -19.52 3.50 -6.14
N PHE A 14 -18.37 3.85 -5.55
CA PHE A 14 -17.38 4.75 -6.16
C PHE A 14 -16.78 4.09 -7.39
N PHE A 15 -16.25 2.89 -7.21
CA PHE A 15 -15.84 2.02 -8.31
C PHE A 15 -17.01 1.55 -9.20
N ALA A 16 -18.21 1.46 -8.64
CA ALA A 16 -19.37 1.04 -9.42
C ALA A 16 -19.66 2.04 -10.53
N ALA A 17 -19.69 3.33 -10.15
CA ALA A 17 -19.90 4.42 -11.11
C ALA A 17 -18.69 4.56 -12.03
N GLY A 19 -16.53 1.96 -13.24
CA GLY A 19 -16.52 0.93 -14.30
C GLY A 19 -17.71 1.01 -15.22
N ARG A 20 -18.88 1.35 -14.66
CA ARG A 20 -20.07 1.68 -15.46
C ARG A 20 -19.87 2.97 -16.27
N GLY A 21 -18.96 3.83 -15.81
CA GLY A 21 -18.72 5.12 -16.44
C GLY A 21 -19.84 6.08 -16.11
N ASP A 22 -20.47 5.88 -14.95
CA ASP A 22 -21.55 6.74 -14.49
C ASP A 22 -20.96 8.05 -13.93
N LYS A 23 -20.63 8.96 -14.84
CA LYS A 23 -20.03 10.25 -14.50
C LYS A 23 -20.76 10.90 -13.34
N LYS A 24 -22.03 11.22 -13.55
CA LYS A 24 -22.85 11.87 -12.53
C LYS A 24 -22.98 11.08 -11.24
N GLY A 25 -22.96 9.75 -11.35
CA GLY A 25 -23.00 8.85 -10.19
C GLY A 25 -21.69 8.80 -9.42
N LEU A 26 -20.57 8.65 -10.14
CA LEU A 26 -19.23 8.67 -9.57
C LEU A 26 -18.91 9.95 -8.78
N LEU A 27 -19.33 11.08 -9.32
CA LEU A 27 -19.16 12.37 -8.65
C LEU A 27 -20.21 12.51 -7.56
N ALA A 28 -21.31 11.78 -7.67
CA ALA A 28 -22.36 11.79 -6.66
C ALA A 28 -21.87 11.20 -5.33
N VAL A 29 -20.85 10.35 -5.39
CA VAL A 29 -20.23 9.79 -4.18
C VAL A 29 -18.83 10.36 -3.92
N SER A 30 -18.49 11.47 -4.60
CA SER A 30 -17.18 12.12 -4.52
C SER A 30 -17.31 13.50 -3.91
N ALA A 31 -16.52 13.77 -2.87
CA ALA A 31 -16.52 15.09 -2.23
C ALA A 31 -16.10 16.14 -3.26
N GLU A 32 -16.62 17.36 -3.14
CA GLU A 32 -16.24 18.40 -4.08
C GLU A 32 -14.73 18.72 -3.98
N ASP A 33 -14.16 18.54 -2.79
CA ASP A 33 -12.73 18.78 -2.57
C ASP A 33 -11.96 17.45 -2.57
N ILE A 34 -12.49 16.43 -3.27
CA ILE A 34 -11.83 15.11 -3.31
C ILE A 34 -10.37 15.26 -3.75
N GLU A 35 -9.48 14.56 -3.07
CA GLU A 35 -8.06 14.54 -3.35
CA GLU A 35 -8.06 14.55 -3.43
C GLU A 35 -7.67 13.10 -3.65
N TRP A 36 -7.00 12.85 -4.78
CA TRP A 36 -6.55 11.51 -5.15
C TRP A 36 -5.08 11.58 -5.48
N ILE A 37 -4.29 10.94 -4.63
CA ILE A 37 -2.83 10.99 -4.70
C ILE A 37 -2.29 9.71 -5.31
N ILE A 38 -1.47 9.85 -6.35
CA ILE A 38 -0.88 8.75 -7.07
C ILE A 38 0.63 8.96 -7.06
N PRO A 39 1.37 8.01 -6.46
CA PRO A 39 2.82 8.19 -6.37
C PRO A 39 3.56 7.77 -7.64
N GLY A 40 4.87 8.02 -7.63
CA GLY A 40 5.78 7.56 -8.67
C GLY A 40 6.06 8.58 -9.77
N GLU A 41 6.56 8.06 -10.90
CA GLU A 41 6.92 8.87 -12.09
C GLU A 41 6.40 8.14 -13.31
N TRP A 42 5.18 8.51 -13.69
CA TRP A 42 4.46 7.89 -14.76
C TRP A 42 3.30 8.84 -15.06
N PRO A 43 2.61 8.66 -16.20
CA PRO A 43 1.62 9.68 -16.62
C PRO A 43 0.52 10.04 -15.62
N LEU A 44 0.12 9.12 -14.74
CA LEU A 44 -0.98 9.39 -13.82
C LEU A 44 -0.53 9.88 -12.46
N ALA A 45 0.78 9.98 -12.27
CA ALA A 45 1.31 10.43 -10.97
C ALA A 45 0.92 11.87 -10.68
N GLY A 46 0.65 12.14 -9.40
CA GLY A 46 0.39 13.47 -8.93
C GLY A 46 -0.78 13.44 -7.99
N THR A 47 -1.17 14.62 -7.53
CA THR A 47 -2.38 14.81 -6.74
C THR A 47 -3.45 15.47 -7.59
N HIS A 48 -4.54 14.74 -7.78
CA HIS A 48 -5.67 15.17 -8.58
C HIS A 48 -6.75 15.66 -7.62
N ARG A 49 -7.11 16.93 -7.74
CA ARG A 49 -8.02 17.61 -6.80
C ARG A 49 -9.29 18.08 -7.47
N GLY A 50 -10.43 17.71 -6.92
CA GLY A 50 -11.71 18.21 -7.41
C GLY A 50 -12.30 17.39 -8.54
N HIS A 51 -13.57 17.65 -8.83
CA HIS A 51 -14.32 16.84 -9.79
C HIS A 51 -13.78 16.89 -11.22
N ALA A 52 -13.38 18.06 -11.69
CA ALA A 52 -12.83 18.17 -13.02
C ALA A 52 -11.55 17.33 -13.16
N ALA A 53 -10.66 17.43 -12.18
CA ALA A 53 -9.42 16.67 -12.16
C ALA A 53 -9.71 15.18 -12.12
N LEU A 54 -10.73 14.79 -11.36
CA LEU A 54 -11.16 13.37 -11.25
CA LEU A 54 -11.03 13.36 -11.29
C LEU A 54 -11.53 12.86 -12.63
N ALA A 55 -12.35 13.64 -13.33
CA ALA A 55 -12.82 13.29 -14.66
C ALA A 55 -11.65 13.16 -15.63
N ALA A 56 -10.74 14.13 -15.58
CA ALA A 56 -9.56 14.17 -16.43
C ALA A 56 -8.66 12.96 -16.19
N LEU A 57 -8.52 12.58 -14.93
CA LEU A 57 -7.71 11.42 -14.53
C LEU A 57 -8.28 10.14 -15.12
N LEU A 58 -9.60 9.95 -14.97
CA LEU A 58 -10.26 8.77 -15.51
C LEU A 58 -10.15 8.72 -17.06
N GLN A 59 -10.24 9.89 -17.70
CA GLN A 59 -10.12 9.96 -19.16
C GLN A 59 -8.69 9.62 -19.59
N LYS A 60 -7.72 10.21 -18.90
CA LYS A 60 -6.33 9.98 -19.23
C LYS A 60 -5.94 8.51 -19.01
N ALA A 61 -6.43 7.91 -17.92
CA ALA A 61 -6.16 6.49 -17.62
C ALA A 61 -6.69 5.61 -18.78
N SER A 62 -7.92 5.87 -19.21
CA SER A 62 -8.55 5.12 -20.33
C SER A 62 -7.74 5.21 -21.62
N GLU A 63 -7.10 6.36 -21.82
CA GLU A 63 -6.27 6.62 -22.98
C GLU A 63 -4.90 5.97 -22.93
N VAL A 65 -3.69 3.29 -20.55
CA VAL A 65 -3.45 1.97 -19.97
C VAL A 65 -4.68 1.08 -20.06
N GLU A 66 -4.42 -0.21 -20.28
CA GLU A 66 -5.42 -1.26 -20.22
C GLU A 66 -5.19 -1.94 -18.89
N ILE A 67 -6.22 -2.01 -18.05
CA ILE A 67 -6.07 -2.58 -16.74
CA ILE A 67 -6.11 -2.55 -16.69
C ILE A 67 -7.16 -3.62 -16.47
N SER A 68 -6.74 -4.72 -15.85
CA SER A 68 -7.61 -5.85 -15.51
CA SER A 68 -7.68 -5.74 -15.48
C SER A 68 -7.42 -6.20 -14.06
N TYR A 69 -8.50 -6.57 -13.39
CA TYR A 69 -8.46 -7.01 -12.01
C TYR A 69 -8.95 -8.46 -12.01
N PRO A 70 -8.03 -9.44 -11.95
CA PRO A 70 -8.47 -10.84 -12.06
C PRO A 70 -9.43 -11.31 -10.97
N GLU A 71 -9.27 -10.78 -9.76
CA GLU A 71 -10.07 -11.18 -8.59
CA GLU A 71 -10.07 -11.18 -8.60
C GLU A 71 -10.62 -9.96 -7.88
N PRO A 72 -11.72 -10.14 -7.15
CA PRO A 72 -12.27 -8.97 -6.45
C PRO A 72 -11.36 -8.47 -5.32
N PRO A 73 -11.38 -7.17 -5.07
CA PRO A 73 -10.53 -6.66 -4.00
C PRO A 73 -11.08 -6.99 -2.62
N GLU A 74 -10.22 -6.74 -1.63
CA GLU A 74 -10.52 -6.87 -0.22
C GLU A 74 -10.74 -5.50 0.36
N PHE A 75 -11.75 -5.39 1.22
CA PHE A 75 -12.03 -4.13 1.90
C PHE A 75 -11.73 -4.32 3.39
N VAL A 76 -10.89 -3.44 3.93
CA VAL A 76 -10.60 -3.41 5.35
C VAL A 76 -10.97 -2.02 5.84
N ALA A 77 -11.97 -1.96 6.73
CA ALA A 77 -12.62 -0.71 7.12
C ALA A 77 -12.60 -0.54 8.64
N GLN A 78 -12.26 0.66 9.09
CA GLN A 78 -12.31 1.03 10.49
C GLN A 78 -12.46 2.55 10.56
N GLY A 79 -13.38 3.01 11.39
CA GLY A 79 -13.60 4.42 11.53
C GLY A 79 -14.06 5.01 10.22
N GLU A 80 -13.41 6.08 9.80
CA GLU A 80 -13.74 6.75 8.54
CA GLU A 80 -13.72 6.77 8.55
C GLU A 80 -12.90 6.23 7.38
N ARG A 81 -12.13 5.18 7.62
CA ARG A 81 -11.18 4.67 6.65
C ARG A 81 -11.63 3.37 6.00
N VAL A 82 -11.42 3.25 4.70
CA VAL A 82 -11.61 2.01 3.96
C VAL A 82 -10.34 1.83 3.14
N LEU A 83 -9.59 0.77 3.43
CA LEU A 83 -8.43 0.42 2.64
C LEU A 83 -8.84 -0.72 1.73
N VAL A 84 -8.60 -0.53 0.44
CA VAL A 84 -8.95 -1.49 -0.59
C VAL A 84 -7.65 -2.15 -1.06
N VAL A 85 -7.58 -3.48 -0.94
CA VAL A 85 -6.38 -4.25 -1.22
C VAL A 85 -6.63 -5.11 -2.45
N GLY A 86 -5.80 -4.95 -3.48
CA GLY A 86 -6.06 -5.68 -4.71
C GLY A 86 -4.84 -5.93 -5.57
N PHE A 87 -5.11 -6.45 -6.75
CA PHE A 87 -4.07 -6.86 -7.68
C PHE A 87 -4.59 -6.60 -9.08
N ALA A 88 -3.73 -6.05 -9.93
CA ALA A 88 -4.05 -5.75 -11.31
C ALA A 88 -3.00 -6.27 -12.23
N THR A 89 -3.43 -6.58 -13.45
CA THR A 89 -2.52 -6.78 -14.56
C THR A 89 -2.85 -5.72 -15.61
N GLY A 90 -1.85 -5.28 -16.36
CA GLY A 90 -2.10 -4.26 -17.34
C GLY A 90 -1.13 -4.19 -18.49
N ARG A 91 -1.45 -3.30 -19.43
CA ARG A 91 -0.62 -3.02 -20.56
C ARG A 91 -0.66 -1.54 -20.87
N VAL A 92 0.51 -0.96 -21.07
CA VAL A 92 0.63 0.45 -21.40
C VAL A 92 0.49 0.60 -22.89
N LYS A 93 -0.47 1.41 -23.33
CA LYS A 93 -0.80 1.47 -24.75
C LYS A 93 0.36 2.01 -25.62
N SER A 94 1.08 3.03 -25.13
CA SER A 94 2.08 3.73 -25.96
C SER A 94 3.35 2.92 -26.12
N THR A 95 3.70 2.17 -25.08
CA THR A 95 4.91 1.38 -25.12
C THR A 95 4.67 -0.11 -25.39
N ASN A 96 3.41 -0.56 -25.25
CA ASN A 96 3.02 -1.98 -25.35
C ASN A 96 3.62 -2.87 -24.24
N ARG A 97 4.13 -2.24 -23.19
CA ARG A 97 4.76 -2.99 -22.09
C ARG A 97 3.73 -3.43 -21.07
N THR A 98 3.89 -4.63 -20.55
CA THR A 98 2.93 -5.21 -19.62
C THR A 98 3.42 -5.06 -18.16
N PHE A 99 2.51 -5.15 -17.19
CA PHE A 99 2.89 -5.13 -15.80
C PHE A 99 1.86 -5.84 -14.96
N GLU A 100 2.28 -6.15 -13.73
CA GLU A 100 1.36 -6.60 -12.70
CA GLU A 100 1.38 -6.61 -12.68
C GLU A 100 1.60 -5.65 -11.49
N ASP A 101 0.58 -5.45 -10.67
CA ASP A 101 0.66 -4.44 -9.60
C ASP A 101 -0.14 -4.96 -8.44
N ASP A 102 0.51 -5.20 -7.31
CA ASP A 102 -0.17 -5.35 -6.01
C ASP A 102 -0.33 -3.96 -5.42
N TRP A 103 -1.57 -3.59 -5.12
CA TRP A 103 -1.88 -2.24 -4.71
C TRP A 103 -2.79 -2.13 -3.48
N VAL A 104 -2.68 -0.99 -2.81
CA VAL A 104 -3.66 -0.57 -1.81
C VAL A 104 -4.16 0.84 -2.14
N PHE A 105 -5.48 1.02 -2.05
CA PHE A 105 -6.07 2.35 -2.10
C PHE A 105 -6.56 2.65 -0.70
N ALA A 106 -6.01 3.68 -0.09
CA ALA A 106 -6.37 4.08 1.28
C ALA A 106 -7.33 5.24 1.12
N ILE A 107 -8.55 5.01 1.56
CA ILE A 107 -9.66 5.92 1.32
C ILE A 107 -10.21 6.44 2.65
N THR A 108 -10.56 7.73 2.66
CA THR A 108 -11.28 8.36 3.77
C THR A 108 -12.64 8.77 3.25
N VAL A 109 -13.69 8.39 3.99
CA VAL A 109 -15.06 8.73 3.65
C VAL A 109 -15.58 9.61 4.78
N ARG A 110 -16.17 10.75 4.40
CA ARG A 110 -16.82 11.67 5.33
C ARG A 110 -18.11 12.19 4.72
N LYS A 111 -19.16 12.31 5.54
CA LYS A 111 -20.45 12.81 5.05
C LYS A 111 -20.91 12.01 3.83
N SER A 112 -20.65 10.70 3.85
CA SER A 112 -21.13 9.79 2.83
C SER A 112 -20.49 10.01 1.44
N LYS A 113 -19.35 10.71 1.43
CA LYS A 113 -18.63 11.00 0.21
C LYS A 113 -17.16 10.57 0.37
N VAL A 114 -16.59 10.03 -0.69
CA VAL A 114 -15.15 9.80 -0.74
C VAL A 114 -14.43 11.15 -0.76
N THR A 115 -13.56 11.36 0.23
CA THR A 115 -12.88 12.65 0.38
C THR A 115 -11.37 12.62 0.09
N SER A 116 -10.71 11.51 0.40
CA SER A 116 -9.26 11.40 0.14
C SER A 116 -8.96 9.98 -0.29
N ILE A 117 -8.12 9.86 -1.29
CA ILE A 117 -7.61 8.59 -1.77
C ILE A 117 -6.10 8.74 -1.88
N ARG A 118 -5.36 7.76 -1.39
CA ARG A 118 -3.94 7.67 -1.67
CA ARG A 118 -3.94 7.66 -1.71
C ARG A 118 -3.66 6.24 -2.15
N GLU A 119 -3.00 6.10 -3.31
CA GLU A 119 -2.58 4.81 -3.80
C GLU A 119 -1.16 4.45 -3.33
N TYR A 120 -1.00 3.15 -3.08
CA TYR A 120 0.27 2.53 -2.78
C TYR A 120 0.42 1.43 -3.84
N ILE A 121 1.40 1.60 -4.73
CA ILE A 121 1.54 0.81 -5.93
C ILE A 121 3.02 0.50 -6.19
N ASP A 122 3.27 -0.37 -7.16
CA ASP A 122 4.65 -0.69 -7.58
C ASP A 122 5.14 0.41 -8.53
N THR A 123 5.61 1.49 -7.94
CA THR A 123 6.02 2.66 -8.73
C THR A 123 7.19 2.36 -9.69
N LEU A 124 8.14 1.53 -9.28
CA LEU A 124 9.23 1.12 -10.17
C LEU A 124 8.69 0.42 -11.41
N ALA A 125 7.76 -0.51 -11.21
CA ALA A 125 7.18 -1.26 -12.34
C ALA A 125 6.46 -0.30 -13.31
N LEU A 126 5.68 0.62 -12.76
CA LEU A 126 4.89 1.50 -13.61
CA LEU A 126 4.88 1.53 -13.59
C LEU A 126 5.77 2.53 -14.32
N ALA A 127 6.85 2.97 -13.68
CA ALA A 127 7.83 3.85 -14.34
C ALA A 127 8.46 3.10 -15.52
N ARG A 128 8.91 1.87 -15.29
CA ARG A 128 9.52 1.08 -16.35
C ARG A 128 8.55 0.89 -17.51
N ALA A 129 7.33 0.50 -17.19
CA ALA A 129 6.32 0.14 -18.22
C ALA A 129 5.95 1.35 -19.06
N THR A 130 5.99 2.54 -18.46
CA THR A 130 5.60 3.78 -19.15
C THR A 130 6.81 4.53 -19.69
N ASN A 131 8.00 3.95 -19.55
CA ASN A 131 9.24 4.58 -19.98
C ASN A 131 9.49 5.90 -19.24
N PHE A 132 9.00 5.97 -18.00
CA PHE A 132 9.22 7.05 -17.01
C PHE A 132 8.50 8.36 -17.38
N ASN A 133 7.36 8.21 -18.06
CA ASN A 133 6.65 9.34 -18.64
C ASN A 133 5.89 10.05 -17.55
N ALA A 134 6.52 11.03 -16.93
CA ALA A 134 5.87 11.84 -15.91
C ALA A 134 4.71 12.71 -16.47
N THR A 135 4.55 12.75 -17.80
CA THR A 135 3.48 13.52 -18.46
C THR A 135 2.23 12.68 -18.78
N GLY B 1 -6.70 -15.17 18.50
CA GLY B 1 -7.98 -14.54 18.92
C GLY B 1 -8.52 -13.67 17.81
N SER B 3 -10.24 -10.74 18.28
CA SER B 3 -10.30 -9.32 18.62
C SER B 3 -9.40 -8.46 17.75
N THR B 4 -9.99 -7.43 17.13
CA THR B 4 -9.25 -6.47 16.32
C THR B 4 -8.17 -5.80 17.19
N GLN B 5 -8.55 -5.30 18.37
CA GLN B 5 -7.59 -4.57 19.20
C GLN B 5 -6.46 -5.47 19.68
N GLU B 6 -6.77 -6.73 19.97
CA GLU B 6 -5.71 -7.65 20.40
C GLU B 6 -4.78 -7.96 19.26
N ASN B 7 -5.32 -8.11 18.06
CA ASN B 7 -4.45 -8.37 16.91
C ASN B 7 -3.57 -7.17 16.53
N VAL B 8 -4.10 -5.97 16.69
CA VAL B 8 -3.31 -4.76 16.53
C VAL B 8 -2.16 -4.76 17.54
N GLN B 9 -2.45 -5.09 18.79
CA GLN B 9 -1.38 -5.16 19.79
C GLN B 9 -0.30 -6.21 19.49
N ILE B 10 -0.69 -7.36 18.93
CA ILE B 10 0.28 -8.37 18.51
C ILE B 10 1.21 -7.76 17.47
N VAL B 11 0.64 -7.03 16.53
CA VAL B 11 1.43 -6.38 15.48
C VAL B 11 2.41 -5.36 16.11
N LYS B 12 1.92 -4.55 17.05
CA LYS B 12 2.74 -3.60 17.78
C LYS B 12 3.86 -4.32 18.52
N ASP B 13 3.55 -5.47 19.13
CA ASP B 13 4.55 -6.24 19.88
C ASP B 13 5.65 -6.79 18.96
N PHE B 14 5.23 -7.20 17.78
CA PHE B 14 6.11 -7.70 16.72
C PHE B 14 7.12 -6.60 16.36
N PHE B 15 6.62 -5.42 15.99
CA PHE B 15 7.41 -4.21 15.67
CA PHE B 15 7.52 -4.37 15.58
C PHE B 15 8.34 -3.86 16.80
N ALA B 16 7.79 -3.83 18.00
CA ALA B 16 8.57 -3.43 19.19
C ALA B 16 9.70 -4.43 19.46
N ALA B 17 9.42 -5.72 19.33
CA ALA B 17 10.47 -6.73 19.54
C ALA B 17 11.62 -6.52 18.55
N GLY B 19 12.34 -3.62 17.16
CA GLY B 19 12.96 -2.37 17.65
C GLY B 19 13.96 -2.63 18.76
N ARG B 20 13.58 -3.46 19.74
CA ARG B 20 14.49 -3.90 20.81
C ARG B 20 15.62 -4.84 20.35
N GLY B 21 15.53 -5.35 19.13
CA GLY B 21 16.37 -6.47 18.71
C GLY B 21 16.19 -7.67 19.62
N ASP B 22 14.95 -7.88 20.07
CA ASP B 22 14.61 -9.01 20.90
C ASP B 22 14.28 -10.16 19.98
N LYS B 23 15.30 -10.94 19.60
CA LYS B 23 15.14 -12.04 18.64
C LYS B 23 14.13 -13.09 19.11
N LYS B 24 14.19 -13.44 20.38
CA LYS B 24 13.30 -14.46 20.92
C LYS B 24 11.86 -13.97 21.05
N GLY B 25 11.69 -12.72 21.50
CA GLY B 25 10.35 -12.13 21.59
C GLY B 25 9.68 -11.92 20.23
N LEU B 26 10.49 -11.56 19.24
CA LEU B 26 10.00 -11.43 17.87
C LEU B 26 9.46 -12.79 17.39
N LEU B 27 10.28 -13.84 17.55
CA LEU B 27 9.85 -15.16 17.07
C LEU B 27 8.63 -15.70 17.82
N ALA B 28 8.47 -15.28 19.07
CA ALA B 28 7.39 -15.73 19.94
C ALA B 28 6.02 -15.29 19.40
N VAL B 29 6.01 -14.20 18.64
CA VAL B 29 4.78 -13.70 18.03
C VAL B 29 4.70 -13.87 16.50
N SER B 30 5.57 -14.72 15.95
CA SER B 30 5.69 -14.96 14.52
C SER B 30 5.43 -16.43 14.24
N ALA B 31 4.58 -16.68 13.24
CA ALA B 31 4.35 -18.04 12.76
C ALA B 31 5.67 -18.67 12.28
N GLU B 32 5.81 -19.96 12.49
CA GLU B 32 7.01 -20.64 12.00
C GLU B 32 7.13 -20.54 10.46
N ASP B 33 6.00 -20.37 9.77
CA ASP B 33 5.98 -20.19 8.33
C ASP B 33 5.58 -18.79 7.92
N ILE B 34 5.90 -17.81 8.77
CA ILE B 34 5.64 -16.40 8.47
C ILE B 34 6.19 -16.06 7.07
N GLU B 35 5.37 -15.40 6.27
CA GLU B 35 5.76 -14.98 4.92
C GLU B 35 5.74 -13.46 4.87
N TRP B 36 6.85 -12.85 4.51
CA TRP B 36 6.99 -11.41 4.43
C TRP B 36 7.44 -11.05 3.00
N ILE B 37 6.56 -10.38 2.24
CA ILE B 37 6.80 -10.05 0.82
C ILE B 37 7.13 -8.59 0.71
N ILE B 38 8.28 -8.33 0.12
CA ILE B 38 8.76 -6.97 -0.06
C ILE B 38 8.99 -6.76 -1.57
N PRO B 39 8.24 -5.81 -2.18
CA PRO B 39 8.37 -5.67 -3.61
C PRO B 39 9.57 -4.81 -4.02
N GLY B 40 9.78 -4.72 -5.33
CA GLY B 40 10.76 -3.79 -5.91
C GLY B 40 12.09 -4.44 -6.21
N GLU B 41 13.07 -3.56 -6.40
CA GLU B 41 14.44 -3.95 -6.72
CA GLU B 41 14.44 -3.96 -6.68
C GLU B 41 15.35 -3.11 -5.83
N TRP B 42 15.64 -3.66 -4.68
CA TRP B 42 16.46 -3.05 -3.67
C TRP B 42 16.87 -4.19 -2.74
N PRO B 43 17.90 -3.98 -1.95
CA PRO B 43 18.46 -5.13 -1.23
C PRO B 43 17.52 -5.97 -0.36
N LEU B 44 16.49 -5.35 0.23
CA LEU B 44 15.50 -6.11 1.04
C LEU B 44 14.35 -6.75 0.27
N ALA B 45 14.25 -6.46 -1.01
CA ALA B 45 13.20 -7.02 -1.85
C ALA B 45 13.27 -8.55 -1.88
N GLY B 46 12.10 -9.15 -1.86
CA GLY B 46 11.96 -10.58 -1.99
C GLY B 46 10.86 -11.11 -1.14
N THR B 47 10.75 -12.45 -1.14
CA THR B 47 9.80 -13.18 -0.31
C THR B 47 10.62 -13.92 0.73
N HIS B 48 10.37 -13.55 1.98
CA HIS B 48 11.11 -14.04 3.12
C HIS B 48 10.17 -14.97 3.88
N ARG B 49 10.53 -16.23 4.06
CA ARG B 49 9.61 -17.19 4.67
C ARG B 49 10.27 -18.02 5.76
N GLY B 50 9.73 -17.91 6.98
CA GLY B 50 10.15 -18.66 8.13
C GLY B 50 10.97 -17.83 9.10
N HIS B 51 11.24 -18.47 10.23
CA HIS B 51 11.97 -17.80 11.32
C HIS B 51 13.40 -17.43 10.96
N ALA B 52 14.12 -18.32 10.30
CA ALA B 52 15.49 -18.01 9.86
C ALA B 52 15.50 -16.77 8.94
N ALA B 53 14.52 -16.72 8.04
CA ALA B 53 14.41 -15.65 7.06
C ALA B 53 14.12 -14.34 7.79
N LEU B 54 13.19 -14.41 8.74
CA LEU B 54 12.80 -13.21 9.51
C LEU B 54 14.00 -12.62 10.26
N ALA B 55 14.76 -13.48 10.92
CA ALA B 55 15.92 -13.02 11.67
C ALA B 55 16.96 -12.42 10.71
N ALA B 56 17.15 -13.06 9.56
CA ALA B 56 18.09 -12.57 8.58
C ALA B 56 17.65 -11.23 8.01
N LEU B 57 16.37 -11.03 7.78
CA LEU B 57 15.87 -9.77 7.19
C LEU B 57 16.11 -8.62 8.18
N LEU B 58 15.80 -8.86 9.44
CA LEU B 58 16.00 -7.92 10.58
CA LEU B 58 15.96 -7.82 10.44
C LEU B 58 17.43 -7.41 10.57
N GLN B 59 18.35 -8.36 10.56
CA GLN B 59 19.77 -8.01 10.59
C GLN B 59 20.15 -7.22 9.34
N LYS B 60 19.72 -7.68 8.17
CA LYS B 60 20.09 -7.02 6.90
C LYS B 60 19.60 -5.58 6.83
N ALA B 61 18.34 -5.36 7.21
CA ALA B 61 17.75 -4.04 7.28
C ALA B 61 18.53 -3.11 8.23
N SER B 62 18.82 -3.60 9.43
CA SER B 62 19.58 -2.83 10.44
C SER B 62 20.91 -2.36 9.88
N GLU B 63 21.56 -3.23 9.13
CA GLU B 63 22.87 -2.93 8.61
C GLU B 63 22.85 -2.09 7.36
N VAL B 65 20.26 0.17 6.20
CA VAL B 65 19.66 1.50 6.23
C VAL B 65 19.43 2.05 7.63
N GLU B 66 19.39 3.36 7.69
CA GLU B 66 18.99 4.10 8.84
C GLU B 66 17.57 4.61 8.51
N ILE B 67 16.60 4.29 9.35
CA ILE B 67 15.22 4.66 9.10
CA ILE B 67 15.20 4.62 9.10
C ILE B 67 14.62 5.42 10.27
N SER B 68 13.79 6.41 9.94
CA SER B 68 13.08 7.21 10.94
CA SER B 68 13.08 7.22 10.93
C SER B 68 11.62 7.34 10.52
N TYR B 69 10.75 7.43 11.51
CA TYR B 69 9.32 7.60 11.31
C TYR B 69 8.93 8.90 12.00
N PRO B 70 8.76 10.00 11.23
CA PRO B 70 8.39 11.30 11.83
C PRO B 70 7.13 11.33 12.69
N GLU B 71 6.14 10.53 12.32
CA GLU B 71 4.90 10.38 13.07
C GLU B 71 4.61 8.91 13.33
N PRO B 72 3.88 8.61 14.40
CA PRO B 72 3.48 7.23 14.60
C PRO B 72 2.56 6.71 13.48
N PRO B 73 2.65 5.42 13.21
CA PRO B 73 1.85 4.86 12.12
C PRO B 73 0.37 4.78 12.51
N GLU B 74 -0.46 4.71 11.49
CA GLU B 74 -1.88 4.49 11.60
C GLU B 74 -2.20 2.99 11.45
N PHE B 75 -3.14 2.51 12.25
CA PHE B 75 -3.69 1.17 12.13
C PHE B 75 -5.11 1.23 11.61
N VAL B 76 -5.38 0.45 10.58
CA VAL B 76 -6.72 0.20 10.09
C VAL B 76 -6.88 -1.31 10.10
N ALA B 77 -7.74 -1.79 10.97
CA ALA B 77 -7.80 -3.21 11.25
C ALA B 77 -9.21 -3.73 11.41
N GLN B 78 -9.37 -5.01 11.07
CA GLN B 78 -10.64 -5.70 11.17
C GLN B 78 -10.30 -7.15 11.48
N GLY B 79 -10.53 -7.58 12.71
CA GLY B 79 -10.32 -8.97 13.12
C GLY B 79 -8.85 -9.33 13.03
N GLU B 80 -8.53 -10.34 12.25
CA GLU B 80 -7.16 -10.81 12.07
C GLU B 80 -6.37 -10.10 10.98
N ARG B 81 -6.99 -9.12 10.36
CA ARG B 81 -6.37 -8.35 9.32
C ARG B 81 -6.01 -6.97 9.86
N VAL B 82 -4.72 -6.66 9.83
CA VAL B 82 -4.16 -5.42 10.39
C VAL B 82 -3.33 -4.73 9.34
N LEU B 83 -3.79 -3.56 8.91
CA LEU B 83 -3.12 -2.72 7.91
C LEU B 83 -2.48 -1.54 8.60
N VAL B 84 -1.16 -1.40 8.43
CA VAL B 84 -0.39 -0.37 9.05
C VAL B 84 -0.01 0.65 7.95
N VAL B 85 -0.31 1.92 8.18
CA VAL B 85 -0.11 3.00 7.21
C VAL B 85 0.85 3.98 7.81
N GLY B 86 1.93 4.31 7.10
CA GLY B 86 2.95 5.16 7.68
C GLY B 86 3.83 5.81 6.65
N PHE B 87 4.84 6.51 7.17
CA PHE B 87 5.79 7.23 6.34
C PHE B 87 7.16 7.10 6.98
N ALA B 88 8.17 6.83 6.17
CA ALA B 88 9.56 6.79 6.63
C ALA B 88 10.45 7.71 5.81
N THR B 89 11.47 8.23 6.50
CA THR B 89 12.68 8.78 5.86
C THR B 89 13.83 7.88 6.24
N GLY B 90 14.79 7.78 5.34
CA GLY B 90 15.90 6.84 5.55
C GLY B 90 17.15 7.27 4.83
N ARG B 91 18.26 6.61 5.17
CA ARG B 91 19.54 6.89 4.54
C ARG B 91 20.10 5.52 4.30
N VAL B 92 20.44 5.24 3.05
CA VAL B 92 21.08 3.97 2.69
C VAL B 92 22.54 4.14 3.06
N LYS B 93 23.04 3.25 3.92
CA LYS B 93 24.36 3.43 4.47
C LYS B 93 25.43 3.21 3.39
N SER B 94 25.19 2.28 2.46
CA SER B 94 26.18 1.96 1.41
C SER B 94 26.31 3.08 0.38
N THR B 95 25.18 3.69 -0.01
CA THR B 95 25.18 4.81 -0.96
C THR B 95 25.22 6.20 -0.30
N ASN B 96 24.84 6.29 0.99
CA ASN B 96 24.69 7.58 1.73
C ASN B 96 23.56 8.47 1.12
N ARG B 97 22.77 7.85 0.26
CA ARG B 97 21.63 8.50 -0.36
C ARG B 97 20.42 8.38 0.55
N THR B 98 19.63 9.43 0.59
CA THR B 98 18.47 9.43 1.42
C THR B 98 17.25 9.10 0.55
N PHE B 99 16.20 8.64 1.22
CA PHE B 99 14.92 8.41 0.55
C PHE B 99 13.76 8.74 1.48
N GLU B 100 12.58 8.81 0.89
CA GLU B 100 11.32 8.95 1.61
C GLU B 100 10.32 7.96 1.05
N ASP B 101 9.38 7.50 1.89
CA ASP B 101 8.50 6.41 1.50
C ASP B 101 7.19 6.46 2.27
N ASP B 102 6.09 6.63 1.53
CA ASP B 102 4.77 6.38 2.07
C ASP B 102 4.43 4.92 1.84
N TRP B 103 4.10 4.22 2.91
CA TRP B 103 3.95 2.79 2.87
C TRP B 103 2.71 2.27 3.57
N VAL B 104 2.31 1.07 3.16
CA VAL B 104 1.32 0.28 3.88
C VAL B 104 1.89 -1.12 4.09
N PHE B 105 1.75 -1.64 5.29
CA PHE B 105 2.06 -3.06 5.55
CA PHE B 105 2.07 -3.05 5.61
C PHE B 105 0.75 -3.75 5.85
N ALA B 106 0.39 -4.71 5.02
CA ALA B 106 -0.86 -5.44 5.19
C ALA B 106 -0.48 -6.77 5.89
N ILE B 107 -1.03 -7.00 7.08
CA ILE B 107 -0.63 -8.11 7.92
C ILE B 107 -1.84 -8.95 8.23
N THR B 108 -1.63 -10.26 8.15
CA THR B 108 -2.57 -11.25 8.70
C THR B 108 -2.01 -11.96 9.90
N VAL B 109 -2.80 -11.94 10.98
CA VAL B 109 -2.48 -12.64 12.22
C VAL B 109 -3.36 -13.88 12.22
N ARG B 110 -2.81 -15.02 12.61
CA ARG B 110 -3.58 -16.25 12.75
CA ARG B 110 -3.58 -16.26 12.74
C ARG B 110 -3.19 -16.92 14.04
N LYS B 111 -4.18 -17.31 14.83
CA LYS B 111 -3.92 -17.87 16.16
C LYS B 111 -2.83 -17.11 16.92
N SER B 112 -3.01 -15.79 16.92
CA SER B 112 -2.23 -14.86 17.69
C SER B 112 -0.76 -14.80 17.24
N LYS B 113 -0.45 -15.26 16.02
CA LYS B 113 0.91 -15.07 15.50
C LYS B 113 0.84 -14.39 14.14
N VAL B 114 1.80 -13.50 13.94
CA VAL B 114 1.96 -12.82 12.67
C VAL B 114 2.30 -13.89 11.65
N THR B 115 1.47 -13.98 10.60
CA THR B 115 1.56 -15.04 9.61
CA THR B 115 1.59 -15.06 9.60
C THR B 115 1.92 -14.59 8.19
N SER B 116 1.32 -13.47 7.75
CA SER B 116 1.55 -12.94 6.40
C SER B 116 1.75 -11.43 6.47
N ILE B 117 2.77 -10.94 5.79
CA ILE B 117 3.03 -9.52 5.62
C ILE B 117 3.30 -9.24 4.14
N ARG B 118 2.62 -8.24 3.62
CA ARG B 118 2.98 -7.70 2.29
C ARG B 118 3.14 -6.21 2.43
N GLU B 119 4.25 -5.71 1.94
CA GLU B 119 4.52 -4.28 1.91
C GLU B 119 4.12 -3.65 0.58
N TYR B 120 3.56 -2.45 0.66
CA TYR B 120 3.20 -1.64 -0.49
C TYR B 120 3.94 -0.32 -0.31
N ILE B 121 4.93 -0.09 -1.17
CA ILE B 121 5.94 0.92 -0.92
C ILE B 121 6.28 1.64 -2.21
N ASP B 122 7.03 2.72 -2.08
CA ASP B 122 7.48 3.47 -3.25
C ASP B 122 8.73 2.79 -3.81
N THR B 123 8.51 1.73 -4.58
CA THR B 123 9.60 0.93 -5.08
C THR B 123 10.56 1.75 -5.96
N LEU B 124 10.05 2.70 -6.73
CA LEU B 124 10.91 3.58 -7.52
C LEU B 124 11.85 4.38 -6.66
N ALA B 125 11.32 4.99 -5.61
CA ALA B 125 12.16 5.77 -4.70
C ALA B 125 13.24 4.93 -4.02
N LEU B 126 12.89 3.72 -3.59
CA LEU B 126 13.85 2.83 -2.92
CA LEU B 126 13.84 2.81 -2.93
C LEU B 126 14.91 2.34 -3.92
N ALA B 127 14.52 2.09 -5.15
CA ALA B 127 15.46 1.67 -6.19
C ALA B 127 16.47 2.76 -6.47
N ARG B 128 15.97 3.99 -6.60
CA ARG B 128 16.88 5.14 -6.84
C ARG B 128 17.89 5.30 -5.74
N ALA B 129 17.46 5.10 -4.50
CA ALA B 129 18.32 5.33 -3.33
C ALA B 129 19.39 4.26 -3.22
N THR B 130 19.15 3.11 -3.82
CA THR B 130 20.07 2.00 -3.68
C THR B 130 20.83 1.74 -4.98
N ASN B 131 20.46 2.44 -6.05
CA ASN B 131 21.02 2.27 -7.39
C ASN B 131 20.79 0.86 -7.91
#